data_9JAI
#
_entry.id   9JAI
#
_cell.length_a   43.770
_cell.length_b   62.920
_cell.length_c   66.160
_cell.angle_alpha   90.00
_cell.angle_beta   107.31
_cell.angle_gamma   90.00
#
_symmetry.space_group_name_H-M   'P 1 21 1'
#
loop_
_entity.id
_entity.type
_entity.pdbx_description
1 polymer 'Guanylate kinase'
2 non-polymer "GUANOSINE-5'-MONOPHOSPHATE"
3 non-polymer "ADENOSINE-5'-DIPHOSPHATE"
4 water water
#
_entity_poly.entity_id   1
_entity_poly.type   'polypeptide(L)'
_entity_poly.pdbx_seq_one_letter_code
;HMSGPRPVVLSGPSGAGKSTLLKRLLQEHSGIFGFSVSHTTRNPRPGEENGKDYYFVTREVMQRDIAAGDFIEHAEFSGN
LYGTSKVAVQAVQAMNRICVLDVDLQGVRNIKATDLRPIYISVQPPSLHVLEQRLRQRNTETEESLVKRLAAAQADMESS
KEPGLFDVVIINDSLDQAYAELKEALSEEIKKAQRTGA
;
_entity_poly.pdbx_strand_id   A,B
#
loop_
_chem_comp.id
_chem_comp.type
_chem_comp.name
_chem_comp.formula
5GP non-polymer GUANOSINE-5'-MONOPHOSPHATE 'C10 H14 N5 O8 P'
ADP non-polymer ADENOSINE-5'-DIPHOSPHATE 'C10 H15 N5 O10 P2'
#
# COMPACT_ATOMS: atom_id res chain seq x y z
N PRO A 5 1.16 6.58 -19.26
CA PRO A 5 2.53 6.67 -18.75
C PRO A 5 3.16 5.30 -18.51
N ARG A 6 4.16 4.97 -19.32
CA ARG A 6 4.77 3.65 -19.27
C ARG A 6 5.34 3.37 -17.87
N PRO A 7 5.10 2.18 -17.31
CA PRO A 7 5.80 1.79 -16.08
C PRO A 7 7.30 1.73 -16.32
N VAL A 8 8.05 1.61 -15.23
CA VAL A 8 9.51 1.54 -15.26
C VAL A 8 9.93 0.26 -14.55
N VAL A 9 10.63 -0.62 -15.26
CA VAL A 9 11.20 -1.82 -14.68
C VAL A 9 12.68 -1.56 -14.43
N LEU A 10 13.06 -1.50 -13.15
CA LEU A 10 14.46 -1.39 -12.75
C LEU A 10 14.95 -2.77 -12.36
N SER A 11 15.98 -3.26 -13.04
CA SER A 11 16.53 -4.57 -12.73
C SER A 11 18.05 -4.52 -12.85
N GLY A 12 18.66 -5.69 -12.84
CA GLY A 12 20.09 -5.83 -12.77
C GLY A 12 20.47 -6.83 -11.69
N PRO A 13 21.76 -7.02 -11.47
CA PRO A 13 22.20 -7.96 -10.44
C PRO A 13 21.93 -7.41 -9.05
N SER A 14 21.68 -8.32 -8.11
CA SER A 14 21.48 -7.93 -6.72
C SER A 14 22.72 -7.24 -6.18
N GLY A 15 22.52 -6.11 -5.52
CA GLY A 15 23.62 -5.35 -4.95
C GLY A 15 24.18 -4.25 -5.83
N ALA A 16 23.61 -4.02 -7.02
CA ALA A 16 24.14 -2.98 -7.90
C ALA A 16 23.86 -1.59 -7.35
N GLY A 17 22.72 -1.41 -6.66
CA GLY A 17 22.38 -0.13 -6.07
C GLY A 17 21.03 0.41 -6.51
N LYS A 18 20.19 -0.46 -7.08
CA LYS A 18 18.95 0.02 -7.68
C LYS A 18 17.92 0.42 -6.62
N SER A 19 17.89 -0.26 -5.48
CA SER A 19 17.02 0.18 -4.38
C SER A 19 17.48 1.54 -3.85
N THR A 20 18.80 1.74 -3.73
CA THR A 20 19.32 3.01 -3.27
C THR A 20 18.98 4.13 -4.26
N LEU A 21 19.16 3.87 -5.55
CA LEU A 21 18.82 4.85 -6.57
C LEU A 21 17.32 5.13 -6.59
N LEU A 22 16.50 4.09 -6.41
CA LEU A 22 15.06 4.27 -6.49
C LEU A 22 14.52 5.06 -5.31
N LYS A 23 15.07 4.85 -4.12
CA LYS A 23 14.64 5.63 -2.97
C LYS A 23 14.95 7.11 -3.14
N ARG A 24 16.04 7.43 -3.85
CA ARG A 24 16.36 8.82 -4.12
C ARG A 24 15.42 9.41 -5.17
N LEU A 25 14.89 8.57 -6.07
CA LEU A 25 13.95 9.04 -7.06
C LEU A 25 12.56 9.25 -6.46
N LEU A 26 12.11 8.30 -5.63
CA LEU A 26 10.79 8.40 -5.02
C LEU A 26 10.73 9.49 -3.95
N GLN A 27 11.87 9.87 -3.37
CA GLN A 27 11.86 10.94 -2.37
C GLN A 27 11.83 12.31 -3.03
N GLU A 28 12.53 12.47 -4.16
CA GLU A 28 12.56 13.76 -4.84
C GLU A 28 11.33 13.96 -5.72
N HIS A 29 10.84 12.90 -6.34
CA HIS A 29 9.69 13.01 -7.23
C HIS A 29 8.54 12.12 -6.79
N SER A 30 8.11 12.27 -5.53
CA SER A 30 7.03 11.46 -5.00
C SER A 30 5.71 11.72 -5.72
N GLY A 31 5.53 12.91 -6.32
CA GLY A 31 4.29 13.25 -6.96
C GLY A 31 4.03 12.60 -8.30
N ILE A 32 5.06 12.02 -8.92
CA ILE A 32 4.91 11.41 -10.23
C ILE A 32 5.31 9.95 -10.26
N PHE A 33 6.08 9.45 -9.29
CA PHE A 33 6.51 8.06 -9.27
C PHE A 33 5.82 7.31 -8.13
N GLY A 34 5.41 6.09 -8.41
CA GLY A 34 4.88 5.21 -7.38
C GLY A 34 5.58 3.88 -7.43
N PHE A 35 5.87 3.33 -6.25
CA PHE A 35 6.63 2.10 -6.14
C PHE A 35 5.70 0.90 -6.07
N SER A 36 6.02 -0.13 -6.83
CA SER A 36 5.25 -1.38 -6.80
C SER A 36 5.71 -2.21 -5.61
N VAL A 37 4.79 -2.43 -4.66
CA VAL A 37 5.11 -3.15 -3.44
C VAL A 37 5.01 -4.64 -3.75
N SER A 38 6.16 -5.29 -3.93
CA SER A 38 6.20 -6.71 -4.22
C SER A 38 5.92 -7.53 -2.97
N HIS A 39 5.40 -8.73 -3.18
CA HIS A 39 5.35 -9.72 -2.12
C HIS A 39 6.69 -10.45 -2.05
N THR A 40 7.10 -10.82 -0.84
CA THR A 40 8.29 -11.63 -0.66
C THR A 40 8.13 -12.50 0.58
N THR A 41 8.80 -13.65 0.57
CA THR A 41 8.80 -14.55 1.71
C THR A 41 10.04 -14.42 2.57
N ARG A 42 10.98 -13.54 2.20
CA ARG A 42 12.19 -13.38 2.99
C ARG A 42 11.90 -12.47 4.19
N ASN A 43 12.77 -12.58 5.20
CA ASN A 43 12.58 -11.82 6.41
C ASN A 43 12.87 -10.34 6.15
N PRO A 44 12.14 -9.44 6.80
CA PRO A 44 12.39 -8.01 6.58
C PRO A 44 13.71 -7.60 7.21
N ARG A 45 14.44 -6.75 6.50
CA ARG A 45 15.67 -6.18 7.01
C ARG A 45 15.35 -5.02 7.96
N PRO A 46 16.30 -4.64 8.82
CA PRO A 46 16.10 -3.46 9.64
C PRO A 46 15.96 -2.21 8.77
N GLY A 47 14.92 -1.42 9.05
CA GLY A 47 14.59 -0.26 8.27
C GLY A 47 13.50 -0.48 7.25
N GLU A 48 13.23 -1.73 6.88
CA GLU A 48 12.15 -2.03 5.96
C GLU A 48 10.81 -2.02 6.69
N GLU A 49 9.74 -1.81 5.92
CA GLU A 49 8.41 -1.67 6.48
C GLU A 49 7.41 -2.44 5.62
N ASN A 50 6.57 -3.24 6.27
CA ASN A 50 5.55 -3.99 5.56
C ASN A 50 4.59 -3.04 4.85
N GLY A 51 4.22 -3.38 3.62
CA GLY A 51 3.35 -2.53 2.83
C GLY A 51 4.05 -1.37 2.15
N LYS A 52 5.35 -1.18 2.39
CA LYS A 52 6.11 -0.11 1.76
C LYS A 52 7.23 -0.67 0.91
N ASP A 53 8.28 -1.26 1.52
CA ASP A 53 9.32 -1.90 0.72
C ASP A 53 8.84 -3.24 0.16
N TYR A 54 8.00 -3.95 0.90
CA TYR A 54 7.51 -5.25 0.50
C TYR A 54 6.23 -5.56 1.27
N TYR A 55 5.45 -6.49 0.72
CA TYR A 55 4.44 -7.21 1.49
C TYR A 55 5.11 -8.45 2.03
N PHE A 56 5.49 -8.44 3.31
CA PHE A 56 6.20 -9.55 3.90
C PHE A 56 5.20 -10.61 4.37
N VAL A 57 5.24 -11.78 3.73
CA VAL A 57 4.34 -12.88 4.05
C VAL A 57 5.14 -14.16 4.20
N THR A 58 4.50 -15.18 4.76
CA THR A 58 5.09 -16.50 4.80
C THR A 58 4.99 -17.16 3.43
N ARG A 59 5.75 -18.24 3.25
CA ARG A 59 5.69 -18.99 2.01
C ARG A 59 4.28 -19.53 1.76
N GLU A 60 3.60 -19.96 2.81
CA GLU A 60 2.24 -20.49 2.64
C GLU A 60 1.29 -19.43 2.11
N VAL A 61 1.32 -18.23 2.70
CA VAL A 61 0.49 -17.15 2.19
C VAL A 61 0.89 -16.81 0.76
N MET A 62 2.18 -16.85 0.46
CA MET A 62 2.65 -16.58 -0.90
C MET A 62 2.13 -17.60 -1.88
N GLN A 63 2.21 -18.89 -1.52
CA GLN A 63 1.72 -19.93 -2.42
C GLN A 63 0.20 -19.84 -2.59
N ARG A 64 -0.51 -19.53 -1.51
CA ARG A 64 -1.96 -19.39 -1.60
C ARG A 64 -2.35 -18.26 -2.53
N ASP A 65 -1.62 -17.13 -2.47
CA ASP A 65 -1.88 -16.05 -3.41
C ASP A 65 -1.63 -16.49 -4.84
N ILE A 66 -0.61 -17.31 -5.06
CA ILE A 66 -0.34 -17.82 -6.41
C ILE A 66 -1.48 -18.71 -6.89
N ALA A 67 -1.95 -19.60 -6.01
CA ALA A 67 -3.09 -20.45 -6.38
C ALA A 67 -4.33 -19.63 -6.69
N ALA A 68 -4.46 -18.47 -6.07
CA ALA A 68 -5.57 -17.55 -6.30
C ALA A 68 -5.31 -16.59 -7.45
N GLY A 69 -4.23 -16.77 -8.20
CA GLY A 69 -3.94 -15.91 -9.34
C GLY A 69 -3.71 -14.46 -9.00
N ASP A 70 -3.11 -14.17 -7.84
CA ASP A 70 -2.93 -12.81 -7.40
C ASP A 70 -1.81 -12.08 -8.13
N PHE A 71 -0.88 -12.81 -8.74
CA PHE A 71 0.37 -12.23 -9.23
C PHE A 71 0.38 -12.13 -10.75
N ILE A 72 0.82 -10.98 -11.25
CA ILE A 72 1.23 -10.88 -12.65
C ILE A 72 2.42 -11.80 -12.90
N GLU A 73 3.39 -11.79 -11.99
CA GLU A 73 4.59 -12.60 -12.10
C GLU A 73 5.11 -12.90 -10.70
N HIS A 74 5.78 -14.05 -10.58
CA HIS A 74 6.54 -14.37 -9.38
C HIS A 74 7.76 -15.17 -9.80
N ALA A 75 8.71 -15.31 -8.88
CA ALA A 75 9.95 -16.02 -9.14
C ALA A 75 10.64 -16.32 -7.83
N GLU A 76 11.55 -17.28 -7.87
CA GLU A 76 12.38 -17.64 -6.72
C GLU A 76 13.80 -17.12 -6.92
N PHE A 77 14.36 -16.54 -5.87
CA PHE A 77 15.70 -15.96 -5.94
C PHE A 77 16.40 -16.20 -4.59
N SER A 78 17.51 -16.94 -4.64
CA SER A 78 18.33 -17.20 -3.45
C SER A 78 17.51 -17.80 -2.31
N GLY A 79 16.63 -18.75 -2.64
CA GLY A 79 15.87 -19.46 -1.65
C GLY A 79 14.65 -18.74 -1.13
N ASN A 80 14.21 -17.67 -1.78
CA ASN A 80 13.03 -16.93 -1.34
C ASN A 80 12.18 -16.59 -2.54
N LEU A 81 10.88 -16.42 -2.30
CA LEU A 81 9.91 -16.13 -3.35
C LEU A 81 9.60 -14.64 -3.38
N TYR A 82 9.48 -14.10 -4.59
CA TYR A 82 9.16 -12.70 -4.82
C TYR A 82 8.09 -12.63 -5.91
N GLY A 83 7.20 -11.66 -5.80
CA GLY A 83 6.12 -11.55 -6.77
C GLY A 83 5.58 -10.15 -6.91
N THR A 84 5.13 -9.83 -8.12
CA THR A 84 4.47 -8.56 -8.44
C THR A 84 2.97 -8.84 -8.56
N SER A 85 2.21 -8.47 -7.53
CA SER A 85 0.77 -8.70 -7.60
C SER A 85 0.11 -7.74 -8.57
N LYS A 86 -1.07 -8.14 -9.05
CA LYS A 86 -1.88 -7.22 -9.84
C LYS A 86 -2.24 -5.98 -9.02
N VAL A 87 -2.50 -6.18 -7.73
CA VAL A 87 -2.88 -5.08 -6.85
C VAL A 87 -1.77 -4.04 -6.77
N ALA A 88 -0.51 -4.50 -6.72
CA ALA A 88 0.60 -3.57 -6.58
C ALA A 88 0.66 -2.60 -7.75
N VAL A 89 0.43 -3.10 -8.97
CA VAL A 89 0.50 -2.24 -10.15
C VAL A 89 -0.73 -1.36 -10.26
N GLN A 90 -1.92 -1.91 -10.01
CA GLN A 90 -3.14 -1.11 -10.09
C GLN A 90 -3.18 -0.03 -9.02
N ALA A 91 -2.60 -0.29 -7.84
CA ALA A 91 -2.59 0.70 -6.78
C ALA A 91 -1.83 1.96 -7.20
N VAL A 92 -0.72 1.78 -7.92
CA VAL A 92 0.01 2.95 -8.42
C VAL A 92 -0.76 3.60 -9.57
N GLN A 93 -1.30 2.80 -10.48
CA GLN A 93 -2.04 3.36 -11.61
C GLN A 93 -3.28 4.09 -11.14
N ALA A 94 -3.85 3.70 -10.00
CA ALA A 94 -4.98 4.41 -9.41
C ALA A 94 -4.57 5.69 -8.71
N MET A 95 -3.28 5.97 -8.61
CA MET A 95 -2.77 7.25 -8.12
C MET A 95 -2.34 8.17 -9.25
N ASN A 96 -2.48 7.74 -10.50
CA ASN A 96 -2.05 8.52 -11.67
C ASN A 96 -0.56 8.82 -11.62
N ARG A 97 0.25 7.78 -11.38
CA ARG A 97 1.68 7.94 -11.28
C ARG A 97 2.38 6.81 -12.04
N ILE A 98 3.68 6.98 -12.23
CA ILE A 98 4.50 6.03 -12.98
C ILE A 98 4.86 4.87 -12.07
N CYS A 99 4.36 3.67 -12.39
CA CYS A 99 4.65 2.50 -11.58
C CYS A 99 6.08 2.01 -11.83
N VAL A 100 6.91 2.05 -10.79
CA VAL A 100 8.29 1.61 -10.89
C VAL A 100 8.41 0.21 -10.31
N LEU A 101 9.11 -0.67 -11.01
CA LEU A 101 9.27 -2.07 -10.63
C LEU A 101 10.73 -2.36 -10.31
N ASP A 102 10.97 -3.01 -9.17
CA ASP A 102 12.28 -3.51 -8.81
C ASP A 102 12.17 -5.04 -8.82
N VAL A 103 12.68 -5.66 -9.89
CA VAL A 103 12.56 -7.10 -10.07
C VAL A 103 13.90 -7.68 -10.51
N ASP A 104 14.02 -8.99 -10.40
CA ASP A 104 15.24 -9.67 -10.80
C ASP A 104 15.20 -9.96 -12.30
N LEU A 105 16.23 -10.66 -12.80
CA LEU A 105 16.30 -10.91 -14.24
C LEU A 105 15.18 -11.83 -14.71
N GLN A 106 14.75 -12.78 -13.87
CA GLN A 106 13.61 -13.60 -14.23
C GLN A 106 12.33 -12.78 -14.26
N GLY A 107 12.25 -11.72 -13.46
CA GLY A 107 11.08 -10.86 -13.48
C GLY A 107 10.99 -10.01 -14.74
N VAL A 108 12.14 -9.61 -15.30
CA VAL A 108 12.13 -8.91 -16.57
C VAL A 108 11.51 -9.78 -17.65
N ARG A 109 11.96 -11.03 -17.75
CA ARG A 109 11.44 -11.94 -18.77
C ARG A 109 9.95 -12.20 -18.60
N ASN A 110 9.48 -12.25 -17.35
CA ASN A 110 8.05 -12.43 -17.12
C ASN A 110 7.27 -11.21 -17.58
N ILE A 111 7.68 -10.02 -17.12
CA ILE A 111 6.98 -8.80 -17.49
C ILE A 111 7.06 -8.55 -18.99
N LYS A 112 8.13 -9.01 -19.64
CA LYS A 112 8.25 -8.87 -21.09
C LYS A 112 7.07 -9.49 -21.82
N ALA A 113 6.53 -10.59 -21.29
CA ALA A 113 5.41 -11.28 -21.94
C ALA A 113 4.06 -10.63 -21.63
N THR A 114 4.01 -9.69 -20.69
CA THR A 114 2.74 -9.09 -20.30
C THR A 114 2.38 -7.93 -21.23
N ASP A 115 1.28 -7.26 -20.93
CA ASP A 115 0.84 -6.08 -21.64
C ASP A 115 1.21 -4.79 -20.90
N LEU A 116 2.12 -4.87 -19.93
CA LEU A 116 2.50 -3.69 -19.16
C LEU A 116 3.18 -2.63 -20.01
N ARG A 117 3.90 -3.04 -21.06
CA ARG A 117 4.63 -2.14 -21.94
C ARG A 117 5.54 -1.15 -21.19
N PRO A 118 6.43 -1.64 -20.34
CA PRO A 118 7.29 -0.73 -19.57
C PRO A 118 8.54 -0.35 -20.35
N ILE A 119 9.29 0.57 -19.76
CA ILE A 119 10.66 0.86 -20.17
C ILE A 119 11.59 0.11 -19.23
N TYR A 120 12.54 -0.63 -19.79
CA TYR A 120 13.39 -1.52 -19.01
C TYR A 120 14.75 -0.88 -18.82
N ILE A 121 15.16 -0.72 -17.57
CA ILE A 121 16.38 -0.01 -17.21
C ILE A 121 17.24 -0.94 -16.37
N SER A 122 18.43 -1.27 -16.86
CA SER A 122 19.38 -2.08 -16.12
C SER A 122 20.29 -1.20 -15.30
N VAL A 123 20.46 -1.53 -14.02
CA VAL A 123 21.39 -0.85 -13.14
C VAL A 123 22.58 -1.78 -12.92
N GLN A 124 23.76 -1.34 -13.33
CA GLN A 124 24.93 -2.21 -13.33
C GLN A 124 25.99 -1.71 -12.36
N PRO A 125 26.68 -2.60 -11.66
CA PRO A 125 27.85 -2.18 -10.89
C PRO A 125 28.99 -1.84 -11.82
N PRO A 126 30.00 -1.10 -11.35
CA PRO A 126 31.16 -0.82 -12.21
C PRO A 126 31.91 -2.07 -12.62
N SER A 127 31.81 -3.14 -11.85
CA SER A 127 32.46 -4.41 -12.16
C SER A 127 31.93 -5.46 -11.19
N LEU A 128 32.27 -6.71 -11.48
CA LEU A 128 31.90 -7.79 -10.56
C LEU A 128 32.56 -7.61 -9.19
N HIS A 129 33.76 -7.01 -9.17
CA HIS A 129 34.46 -6.80 -7.91
C HIS A 129 33.71 -5.83 -7.01
N VAL A 130 33.24 -4.71 -7.58
CA VAL A 130 32.47 -3.76 -6.76
C VAL A 130 31.12 -4.36 -6.41
N LEU A 131 30.56 -5.20 -7.28
CA LEU A 131 29.27 -5.82 -6.99
C LEU A 131 29.35 -6.66 -5.72
N GLU A 132 30.35 -7.54 -5.65
CA GLU A 132 30.53 -8.35 -4.44
C GLU A 132 30.76 -7.48 -3.22
N GLN A 133 31.55 -6.41 -3.38
CA GLN A 133 31.79 -5.48 -2.28
C GLN A 133 30.49 -4.84 -1.79
N ARG A 134 29.55 -4.57 -2.70
CA ARG A 134 28.29 -3.97 -2.29
C ARG A 134 27.33 -4.99 -1.69
N LEU A 135 27.35 -6.23 -2.18
CA LEU A 135 26.54 -7.28 -1.57
C LEU A 135 26.94 -7.51 -0.13
N ARG A 136 28.25 -7.49 0.16
CA ARG A 136 28.71 -7.69 1.53
C ARG A 136 28.57 -6.44 2.37
N GLN A 137 28.64 -5.25 1.77
CA GLN A 137 28.47 -4.01 2.52
C GLN A 137 27.08 -3.94 3.15
N ARG A 138 26.05 -4.28 2.38
CA ARG A 138 24.69 -4.27 2.91
C ARG A 138 24.56 -5.17 4.13
N ASN A 139 25.25 -6.32 4.11
CA ASN A 139 25.41 -7.17 5.28
C ASN A 139 24.08 -7.69 5.82
N THR A 140 23.08 -7.81 4.95
CA THR A 140 21.75 -8.24 5.35
C THR A 140 21.48 -9.70 5.01
N GLU A 141 22.48 -10.44 4.55
CA GLU A 141 22.31 -11.81 4.10
C GLU A 141 23.25 -12.73 4.86
N THR A 142 22.76 -13.93 5.16
CA THR A 142 23.61 -14.98 5.71
C THR A 142 24.63 -15.42 4.67
N GLU A 143 25.66 -16.14 5.13
CA GLU A 143 26.77 -16.47 4.25
C GLU A 143 26.36 -17.42 3.13
N GLU A 144 25.37 -18.28 3.37
CA GLU A 144 24.92 -19.16 2.29
C GLU A 144 24.06 -18.42 1.28
N SER A 145 23.22 -17.49 1.75
CA SER A 145 22.41 -16.69 0.83
C SER A 145 23.24 -15.61 0.15
N LEU A 146 24.32 -15.17 0.78
CA LEU A 146 25.23 -14.23 0.14
C LEU A 146 25.93 -14.86 -1.06
N VAL A 147 26.38 -16.11 -0.91
CA VAL A 147 27.03 -16.80 -2.02
C VAL A 147 26.04 -17.12 -3.13
N LYS A 148 24.79 -17.38 -2.79
CA LYS A 148 23.77 -17.65 -3.81
C LYS A 148 23.47 -16.40 -4.63
N ARG A 149 23.51 -15.23 -4.01
CA ARG A 149 23.37 -13.99 -4.78
C ARG A 149 24.60 -13.74 -5.64
N LEU A 150 25.78 -14.16 -5.16
CA LEU A 150 26.98 -14.03 -5.98
C LEU A 150 26.92 -14.96 -7.18
N ALA A 151 26.40 -16.18 -7.00
CA ALA A 151 26.34 -17.15 -8.10
C ALA A 151 25.50 -16.62 -9.25
N ALA A 152 24.40 -15.92 -8.94
CA ALA A 152 23.53 -15.38 -9.98
C ALA A 152 24.00 -14.05 -10.53
N ALA A 153 25.10 -13.49 -10.02
CA ALA A 153 25.52 -12.16 -10.42
C ALA A 153 26.08 -12.16 -11.85
N GLN A 154 26.89 -13.16 -12.19
CA GLN A 154 27.53 -13.19 -13.49
C GLN A 154 26.51 -13.20 -14.63
N ALA A 155 25.56 -14.13 -14.57
CA ALA A 155 24.53 -14.19 -15.61
C ALA A 155 23.64 -12.95 -15.61
N ASP A 156 23.47 -12.32 -14.45
CA ASP A 156 22.67 -11.10 -14.39
C ASP A 156 23.41 -9.93 -15.02
N MET A 157 24.73 -9.87 -14.85
CA MET A 157 25.49 -8.78 -15.46
C MET A 157 25.57 -8.94 -16.98
N GLU A 158 25.70 -10.17 -17.46
CA GLU A 158 25.69 -10.42 -18.90
C GLU A 158 24.37 -9.99 -19.52
N SER A 159 23.26 -10.52 -18.99
CA SER A 159 21.95 -10.19 -19.55
C SER A 159 21.65 -8.70 -19.40
N SER A 160 22.24 -8.04 -18.41
CA SER A 160 22.05 -6.61 -18.22
C SER A 160 22.61 -5.77 -19.35
N LYS A 161 23.41 -6.36 -20.25
CA LYS A 161 23.96 -5.65 -21.38
C LYS A 161 23.23 -5.92 -22.68
N GLU A 162 22.19 -6.77 -22.66
CA GLU A 162 21.49 -7.18 -23.87
C GLU A 162 20.37 -6.20 -24.21
N PRO A 163 20.30 -5.73 -25.47
CA PRO A 163 19.23 -4.79 -25.82
C PRO A 163 17.87 -5.42 -26.02
N GLY A 164 17.80 -6.74 -26.17
CA GLY A 164 16.50 -7.39 -26.24
C GLY A 164 15.76 -7.38 -24.93
N LEU A 165 16.47 -7.16 -23.81
CA LEU A 165 15.86 -7.14 -22.49
C LEU A 165 15.74 -5.75 -21.90
N PHE A 166 16.60 -4.82 -22.29
CA PHE A 166 16.64 -3.51 -21.67
C PHE A 166 16.64 -2.42 -22.74
N ASP A 167 16.13 -1.25 -22.35
CA ASP A 167 16.17 -0.05 -23.18
C ASP A 167 17.27 0.90 -22.78
N VAL A 168 17.69 0.86 -21.51
CA VAL A 168 18.72 1.73 -20.95
C VAL A 168 19.59 0.88 -20.04
N VAL A 169 20.90 1.10 -20.09
CA VAL A 169 21.85 0.51 -19.16
C VAL A 169 22.60 1.63 -18.48
N ILE A 170 22.62 1.60 -17.15
CA ILE A 170 23.24 2.64 -16.34
C ILE A 170 24.29 1.99 -15.45
N ILE A 171 25.51 2.50 -15.49
CA ILE A 171 26.58 2.04 -14.61
C ILE A 171 26.46 2.83 -13.31
N ASN A 172 26.20 2.13 -12.20
CA ASN A 172 26.10 2.77 -10.90
C ASN A 172 27.48 2.81 -10.26
N ASP A 173 28.31 3.73 -10.75
CA ASP A 173 29.61 3.98 -10.14
C ASP A 173 29.43 4.96 -8.99
N SER A 174 29.26 6.24 -9.30
CA SER A 174 28.91 7.24 -8.31
C SER A 174 27.40 7.41 -8.26
N LEU A 175 26.86 7.57 -7.05
CA LEU A 175 25.42 7.67 -6.90
C LEU A 175 24.88 8.94 -7.58
N ASP A 176 25.58 10.07 -7.41
CA ASP A 176 25.15 11.30 -8.06
C ASP A 176 25.17 11.16 -9.58
N GLN A 177 26.22 10.57 -10.12
CA GLN A 177 26.32 10.38 -11.56
C GLN A 177 25.22 9.46 -12.07
N ALA A 178 25.03 8.32 -11.41
CA ALA A 178 24.02 7.36 -11.86
C ALA A 178 22.62 7.94 -11.73
N TYR A 179 22.38 8.74 -10.68
CA TYR A 179 21.03 9.27 -10.46
C TYR A 179 20.64 10.25 -11.55
N ALA A 180 21.56 11.13 -11.95
CA ALA A 180 21.25 12.07 -13.02
C ALA A 180 20.99 11.35 -14.33
N GLU A 181 21.72 10.25 -14.58
CA GLU A 181 21.49 9.48 -15.80
C GLU A 181 20.12 8.84 -15.79
N LEU A 182 19.70 8.29 -14.64
CA LEU A 182 18.38 7.67 -14.54
C LEU A 182 17.28 8.68 -14.79
N LYS A 183 17.37 9.87 -14.16
CA LYS A 183 16.38 10.90 -14.40
C LYS A 183 16.33 11.30 -15.87
N GLU A 184 17.51 11.52 -16.48
CA GLU A 184 17.55 11.82 -17.91
C GLU A 184 17.00 10.67 -18.75
N ALA A 185 17.23 9.42 -18.33
CA ALA A 185 16.69 8.29 -19.05
C ALA A 185 15.18 8.20 -18.94
N LEU A 186 14.59 8.79 -17.90
CA LEU A 186 13.16 8.75 -17.67
C LEU A 186 12.47 10.05 -18.06
N SER A 187 13.15 10.91 -18.83
CA SER A 187 12.59 12.21 -19.17
C SER A 187 11.26 12.08 -19.90
N GLU A 188 11.15 11.09 -20.80
CA GLU A 188 9.93 10.94 -21.58
C GLU A 188 8.77 10.43 -20.73
N GLU A 189 9.04 9.62 -19.71
CA GLU A 189 7.97 9.18 -18.81
C GLU A 189 7.59 10.30 -17.84
N ILE A 190 8.58 11.02 -17.31
CA ILE A 190 8.29 12.18 -16.46
C ILE A 190 7.48 13.21 -17.24
N LYS A 191 7.79 13.36 -18.54
CA LYS A 191 7.03 14.27 -19.39
C LYS A 191 5.58 13.83 -19.52
N LYS A 192 5.36 12.54 -19.80
CA LYS A 192 4.00 12.04 -19.98
C LYS A 192 3.23 12.08 -18.67
N ALA A 193 3.89 11.80 -17.54
CA ALA A 193 3.20 11.78 -16.26
C ALA A 193 2.75 13.17 -15.84
N GLN A 194 3.48 14.21 -16.23
CA GLN A 194 3.15 15.56 -15.84
C GLN A 194 2.15 16.23 -16.78
N ARG A 195 2.05 15.76 -18.01
CA ARG A 195 1.11 16.33 -18.97
C ARG A 195 -0.25 15.67 -18.88
N ARG B 6 -13.46 -12.92 7.74
CA ARG B 6 -14.47 -11.90 7.49
C ARG B 6 -13.89 -10.50 7.68
N PRO B 7 -14.13 -9.62 6.72
CA PRO B 7 -13.70 -8.22 6.86
C PRO B 7 -14.44 -7.53 8.00
N VAL B 8 -13.95 -6.35 8.37
CA VAL B 8 -14.51 -5.58 9.46
C VAL B 8 -14.79 -4.16 8.95
N VAL B 9 -16.00 -3.68 9.19
CA VAL B 9 -16.39 -2.32 8.82
C VAL B 9 -16.60 -1.53 10.11
N LEU B 10 -15.78 -0.50 10.30
CA LEU B 10 -15.95 0.44 11.40
C LEU B 10 -16.59 1.70 10.87
N SER B 11 -17.60 2.21 11.58
CA SER B 11 -18.27 3.44 11.19
C SER B 11 -18.69 4.19 12.44
N GLY B 12 -19.41 5.29 12.23
CA GLY B 12 -19.78 6.19 13.30
C GLY B 12 -19.42 7.61 12.95
N PRO B 13 -19.80 8.55 13.81
CA PRO B 13 -19.53 9.97 13.52
C PRO B 13 -18.04 10.27 13.59
N SER B 14 -17.65 11.33 12.89
CA SER B 14 -16.26 11.75 12.90
C SER B 14 -15.85 12.20 14.29
N GLY B 15 -14.68 11.74 14.73
CA GLY B 15 -14.17 12.07 16.04
C GLY B 15 -14.65 11.17 17.17
N ALA B 16 -15.28 10.04 16.86
CA ALA B 16 -15.76 9.14 17.91
C ALA B 16 -14.64 8.31 18.52
N GLY B 17 -13.58 8.05 17.75
CA GLY B 17 -12.47 7.27 18.25
C GLY B 17 -12.16 6.05 17.42
N LYS B 18 -12.70 6.00 16.20
CA LYS B 18 -12.50 4.84 15.33
C LYS B 18 -11.02 4.64 15.01
N SER B 19 -10.36 5.69 14.52
CA SER B 19 -8.95 5.56 14.16
C SER B 19 -8.09 5.22 15.37
N THR B 20 -8.41 5.80 16.53
CA THR B 20 -7.66 5.50 17.74
C THR B 20 -7.79 4.03 18.12
N LEU B 21 -9.02 3.51 18.10
CA LEU B 21 -9.22 2.10 18.41
C LEU B 21 -8.51 1.20 17.40
N LEU B 22 -8.56 1.57 16.11
CA LEU B 22 -7.97 0.71 15.09
C LEU B 22 -6.45 0.71 15.16
N LYS B 23 -5.84 1.87 15.40
CA LYS B 23 -4.39 1.92 15.55
C LYS B 23 -3.92 1.07 16.73
N ARG B 24 -4.64 1.14 17.85
CA ARG B 24 -4.33 0.28 18.99
C ARG B 24 -4.51 -1.19 18.62
N LEU B 25 -5.47 -1.49 17.76
CA LEU B 25 -5.66 -2.87 17.33
C LEU B 25 -4.52 -3.34 16.43
N LEU B 26 -4.06 -2.46 15.53
CA LEU B 26 -2.95 -2.82 14.66
C LEU B 26 -1.63 -2.88 15.40
N GLN B 27 -1.50 -2.18 16.52
CA GLN B 27 -0.26 -2.22 17.28
C GLN B 27 -0.13 -3.49 18.11
N GLU B 28 -1.23 -4.14 18.46
CA GLU B 28 -1.20 -5.38 19.20
C GLU B 28 -1.31 -6.61 18.32
N HIS B 29 -2.12 -6.54 17.25
CA HIS B 29 -2.30 -7.68 16.36
C HIS B 29 -1.97 -7.28 14.93
N SER B 30 -0.72 -6.89 14.70
CA SER B 30 -0.30 -6.45 13.37
C SER B 30 -0.30 -7.60 12.37
N GLY B 31 -0.11 -8.83 12.84
CA GLY B 31 0.04 -9.95 11.92
C GLY B 31 -1.27 -10.41 11.31
N ILE B 32 -2.39 -10.16 11.99
CA ILE B 32 -3.67 -10.68 11.55
C ILE B 32 -4.64 -9.60 11.10
N PHE B 33 -4.30 -8.32 11.28
CA PHE B 33 -5.18 -7.23 10.90
C PHE B 33 -4.50 -6.35 9.85
N GLY B 34 -5.27 -5.95 8.86
CA GLY B 34 -4.79 -5.04 7.84
C GLY B 34 -5.78 -3.92 7.61
N PHE B 35 -5.25 -2.72 7.40
CA PHE B 35 -6.08 -1.54 7.21
C PHE B 35 -6.34 -1.29 5.73
N SER B 36 -7.61 -1.15 5.37
CA SER B 36 -7.98 -0.81 4.00
C SER B 36 -7.65 0.67 3.75
N VAL B 37 -6.85 0.93 2.72
CA VAL B 37 -6.36 2.27 2.43
C VAL B 37 -7.32 2.91 1.44
N SER B 38 -8.16 3.82 1.92
CA SER B 38 -9.15 4.48 1.09
C SER B 38 -8.52 5.62 0.29
N HIS B 39 -9.16 5.94 -0.84
CA HIS B 39 -8.85 7.15 -1.58
C HIS B 39 -9.56 8.34 -0.94
N THR B 40 -8.94 9.51 -1.02
CA THR B 40 -9.58 10.73 -0.53
C THR B 40 -9.03 11.93 -1.28
N THR B 41 -9.88 12.94 -1.42
CA THR B 41 -9.48 14.21 -2.01
C THR B 41 -9.00 15.21 -0.97
N ARG B 42 -9.34 15.02 0.30
CA ARG B 42 -8.84 15.92 1.34
C ARG B 42 -7.34 15.76 1.48
N ASN B 43 -6.69 16.85 1.92
CA ASN B 43 -5.24 16.88 1.99
C ASN B 43 -4.73 16.14 3.22
N PRO B 44 -3.52 15.58 3.15
CA PRO B 44 -3.02 14.77 4.25
C PRO B 44 -2.79 15.58 5.52
N ARG B 45 -3.20 15.02 6.65
CA ARG B 45 -2.87 15.60 7.94
C ARG B 45 -1.41 15.34 8.26
N PRO B 46 -0.81 16.16 9.13
CA PRO B 46 0.58 15.89 9.55
C PRO B 46 0.69 14.52 10.18
N GLY B 47 1.72 13.78 9.77
CA GLY B 47 1.93 12.42 10.21
C GLY B 47 1.31 11.36 9.33
N GLU B 48 0.31 11.71 8.52
CA GLU B 48 -0.29 10.76 7.60
C GLU B 48 0.64 10.51 6.43
N GLU B 49 0.46 9.35 5.80
CA GLU B 49 1.32 8.91 4.70
C GLU B 49 0.47 8.37 3.57
N ASN B 50 0.86 8.70 2.34
CA ASN B 50 0.21 8.14 1.16
C ASN B 50 0.47 6.64 1.08
N GLY B 51 -0.54 5.90 0.63
CA GLY B 51 -0.44 4.45 0.55
C GLY B 51 -0.58 3.74 1.88
N LYS B 52 -0.66 4.47 2.99
CA LYS B 52 -0.84 3.86 4.31
C LYS B 52 -2.14 4.35 4.95
N ASP B 53 -2.25 5.64 5.29
CA ASP B 53 -3.50 6.15 5.85
C ASP B 53 -4.55 6.32 4.76
N TYR B 54 -4.16 6.88 3.63
CA TYR B 54 -5.08 7.15 2.52
C TYR B 54 -4.30 7.12 1.22
N TYR B 55 -5.05 7.05 0.13
CA TYR B 55 -4.53 7.41 -1.19
C TYR B 55 -5.00 8.84 -1.43
N PHE B 56 -4.11 9.80 -1.22
CA PHE B 56 -4.46 11.20 -1.37
C PHE B 56 -4.38 11.57 -2.84
N VAL B 57 -5.52 11.73 -3.48
CA VAL B 57 -5.61 12.03 -4.90
C VAL B 57 -6.35 13.34 -5.10
N THR B 58 -6.28 13.86 -6.32
CA THR B 58 -7.04 15.03 -6.70
C THR B 58 -8.48 14.66 -7.05
N ARG B 59 -9.32 15.67 -7.22
CA ARG B 59 -10.70 15.43 -7.59
C ARG B 59 -10.81 14.85 -9.00
N GLU B 60 -9.95 15.30 -9.91
CA GLU B 60 -9.97 14.76 -11.27
C GLU B 60 -9.50 13.31 -11.29
N VAL B 61 -8.46 12.98 -10.53
CA VAL B 61 -8.00 11.60 -10.45
C VAL B 61 -9.06 10.72 -9.80
N MET B 62 -9.74 11.23 -8.78
CA MET B 62 -10.78 10.45 -8.11
C MET B 62 -11.95 10.20 -9.06
N GLN B 63 -12.30 11.18 -9.88
CA GLN B 63 -13.42 11.00 -10.80
C GLN B 63 -13.09 9.99 -11.89
N ARG B 64 -11.83 9.89 -12.28
CA ARG B 64 -11.47 8.92 -13.32
C ARG B 64 -11.36 7.51 -12.77
N ASP B 65 -10.88 7.37 -11.53
CA ASP B 65 -10.92 6.07 -10.88
C ASP B 65 -12.34 5.58 -10.70
N ILE B 66 -13.29 6.50 -10.49
CA ILE B 66 -14.70 6.12 -10.33
C ILE B 66 -15.27 5.63 -11.66
N ALA B 67 -15.00 6.38 -12.74
CA ALA B 67 -15.51 5.97 -14.05
C ALA B 67 -14.88 4.66 -14.50
N ALA B 68 -13.66 4.38 -14.08
CA ALA B 68 -13.00 3.12 -14.40
C ALA B 68 -13.53 1.95 -13.60
N GLY B 69 -14.44 2.19 -12.66
CA GLY B 69 -14.97 1.13 -11.83
C GLY B 69 -14.00 0.57 -10.82
N ASP B 70 -13.09 1.41 -10.31
CA ASP B 70 -12.07 0.95 -9.38
C ASP B 70 -12.59 0.77 -7.96
N PHE B 71 -13.72 1.38 -7.60
CA PHE B 71 -14.17 1.44 -6.23
C PHE B 71 -15.30 0.45 -5.96
N ILE B 72 -15.25 -0.18 -4.79
CA ILE B 72 -16.40 -0.91 -4.27
C ILE B 72 -17.48 0.07 -3.84
N GLU B 73 -17.07 1.21 -3.28
CA GLU B 73 -17.99 2.26 -2.85
C GLU B 73 -17.25 3.58 -2.84
N HIS B 74 -18.03 4.66 -2.96
CA HIS B 74 -17.48 6.01 -2.85
C HIS B 74 -18.60 6.95 -2.43
N ALA B 75 -18.23 7.98 -1.68
CA ALA B 75 -19.21 8.93 -1.17
C ALA B 75 -18.53 10.26 -0.93
N GLU B 76 -19.36 11.30 -0.78
CA GLU B 76 -18.89 12.63 -0.40
C GLU B 76 -19.18 12.84 1.08
N PHE B 77 -18.21 13.43 1.78
CA PHE B 77 -18.33 13.67 3.21
C PHE B 77 -17.53 14.92 3.56
N SER B 78 -18.23 15.92 4.11
CA SER B 78 -17.59 17.18 4.54
C SER B 78 -16.86 17.85 3.37
N GLY B 79 -17.50 17.89 2.21
CA GLY B 79 -16.92 18.54 1.05
C GLY B 79 -15.74 17.83 0.43
N ASN B 80 -15.53 16.55 0.76
CA ASN B 80 -14.43 15.78 0.20
C ASN B 80 -14.91 14.42 -0.24
N LEU B 81 -14.22 13.86 -1.22
CA LEU B 81 -14.57 12.56 -1.80
C LEU B 81 -13.77 11.46 -1.12
N TYR B 82 -14.45 10.37 -0.75
CA TYR B 82 -13.81 9.20 -0.17
C TYR B 82 -14.28 7.97 -0.94
N GLY B 83 -13.46 6.92 -0.90
CA GLY B 83 -13.80 5.69 -1.58
C GLY B 83 -12.94 4.49 -1.22
N THR B 84 -13.56 3.31 -1.13
CA THR B 84 -12.85 2.06 -0.94
C THR B 84 -12.62 1.43 -2.32
N SER B 85 -11.35 1.37 -2.74
CA SER B 85 -11.05 0.72 -4.00
C SER B 85 -11.05 -0.79 -3.84
N LYS B 86 -11.27 -1.49 -4.95
CA LYS B 86 -11.17 -2.95 -4.93
C LYS B 86 -9.77 -3.39 -4.54
N VAL B 87 -8.74 -2.75 -5.10
CA VAL B 87 -7.36 -3.14 -4.82
C VAL B 87 -7.02 -2.92 -3.35
N ALA B 88 -7.70 -1.99 -2.68
CA ALA B 88 -7.41 -1.75 -1.27
C ALA B 88 -7.83 -2.94 -0.40
N VAL B 89 -8.97 -3.55 -0.73
CA VAL B 89 -9.40 -4.74 0.01
C VAL B 89 -8.59 -5.96 -0.42
N GLN B 90 -8.31 -6.09 -1.72
CA GLN B 90 -7.56 -7.23 -2.22
C GLN B 90 -6.12 -7.24 -1.70
N ALA B 91 -5.55 -6.06 -1.46
CA ALA B 91 -4.20 -5.99 -0.91
C ALA B 91 -4.13 -6.63 0.47
N VAL B 92 -5.10 -6.34 1.32
CA VAL B 92 -5.14 -6.97 2.63
C VAL B 92 -5.50 -8.44 2.51
N GLN B 93 -6.41 -8.78 1.59
CA GLN B 93 -6.75 -10.18 1.37
C GLN B 93 -5.54 -11.00 0.96
N ALA B 94 -4.66 -10.41 0.14
CA ALA B 94 -3.43 -11.08 -0.27
C ALA B 94 -2.38 -11.13 0.83
N MET B 95 -2.60 -10.45 1.94
CA MET B 95 -1.73 -10.57 3.10
C MET B 95 -2.26 -11.56 4.13
N ASN B 96 -3.35 -12.25 3.80
CA ASN B 96 -3.97 -13.23 4.70
C ASN B 96 -4.33 -12.59 6.04
N ARG B 97 -4.83 -11.36 6.00
CA ARG B 97 -5.17 -10.62 7.19
C ARG B 97 -6.64 -10.20 7.14
N ILE B 98 -7.16 -9.86 8.32
CA ILE B 98 -8.52 -9.35 8.42
C ILE B 98 -8.50 -7.89 7.98
N CYS B 99 -9.30 -7.57 6.96
CA CYS B 99 -9.35 -6.22 6.41
C CYS B 99 -10.34 -5.39 7.23
N VAL B 100 -9.85 -4.29 7.79
CA VAL B 100 -10.68 -3.36 8.55
C VAL B 100 -10.90 -2.12 7.69
N LEU B 101 -12.15 -1.71 7.56
CA LEU B 101 -12.52 -0.54 6.80
C LEU B 101 -13.01 0.54 7.74
N ASP B 102 -12.64 1.78 7.45
CA ASP B 102 -13.06 2.96 8.20
C ASP B 102 -13.87 3.82 7.23
N VAL B 103 -15.18 3.66 7.25
CA VAL B 103 -16.07 4.34 6.32
C VAL B 103 -17.21 5.00 7.10
N ASP B 104 -17.90 5.91 6.43
CA ASP B 104 -19.03 6.59 7.05
C ASP B 104 -20.31 5.79 6.83
N LEU B 105 -21.44 6.35 7.30
CA LEU B 105 -22.72 5.64 7.21
C LEU B 105 -23.10 5.35 5.77
N GLN B 106 -22.79 6.28 4.86
CA GLN B 106 -23.05 6.06 3.44
C GLN B 106 -22.26 4.84 2.94
N GLY B 107 -21.01 4.71 3.37
CA GLY B 107 -20.21 3.56 2.97
C GLY B 107 -20.72 2.25 3.54
N VAL B 108 -21.35 2.30 4.71
CA VAL B 108 -21.94 1.09 5.28
C VAL B 108 -23.07 0.58 4.41
N ARG B 109 -24.00 1.47 4.05
CA ARG B 109 -25.13 1.05 3.21
C ARG B 109 -24.68 0.57 1.85
N ASN B 110 -23.58 1.13 1.33
CA ASN B 110 -23.06 0.69 0.04
C ASN B 110 -22.48 -0.72 0.14
N ILE B 111 -21.74 -1.01 1.21
CA ILE B 111 -21.16 -2.34 1.37
C ILE B 111 -22.23 -3.37 1.67
N LYS B 112 -23.33 -2.96 2.31
CA LYS B 112 -24.45 -3.87 2.52
C LYS B 112 -25.00 -4.41 1.20
N ALA B 113 -24.85 -3.65 0.12
CA ALA B 113 -25.33 -4.07 -1.19
C ALA B 113 -24.38 -4.98 -1.93
N THR B 114 -23.13 -5.12 -1.46
CA THR B 114 -22.14 -5.95 -2.13
C THR B 114 -22.25 -7.40 -1.65
N ASP B 115 -21.40 -8.26 -2.23
CA ASP B 115 -21.36 -9.66 -1.84
C ASP B 115 -20.31 -9.95 -0.77
N LEU B 116 -19.72 -8.90 -0.19
CA LEU B 116 -18.85 -9.08 0.96
C LEU B 116 -19.69 -9.39 2.20
N ARG B 117 -19.09 -10.15 3.12
CA ARG B 117 -19.77 -10.57 4.35
C ARG B 117 -18.97 -10.10 5.55
N PRO B 118 -19.01 -8.81 5.87
CA PRO B 118 -18.20 -8.30 6.97
C PRO B 118 -18.97 -8.21 8.28
N ILE B 119 -18.27 -7.96 9.37
CA ILE B 119 -18.90 -7.57 10.62
C ILE B 119 -18.93 -6.05 10.69
N TYR B 120 -20.10 -5.50 10.99
CA TYR B 120 -20.30 -4.05 11.00
C TYR B 120 -20.27 -3.58 12.44
N ILE B 121 -19.36 -2.66 12.75
CA ILE B 121 -19.20 -2.14 14.11
C ILE B 121 -19.31 -0.63 14.07
N SER B 122 -20.19 -0.08 14.90
CA SER B 122 -20.38 1.35 15.03
C SER B 122 -19.74 1.82 16.34
N VAL B 123 -18.97 2.90 16.27
CA VAL B 123 -18.33 3.49 17.44
C VAL B 123 -19.00 4.83 17.70
N GLN B 124 -19.55 4.99 18.90
CA GLN B 124 -20.32 6.18 19.23
C GLN B 124 -19.66 6.92 20.40
N PRO B 125 -19.73 8.25 20.40
CA PRO B 125 -19.32 9.00 21.57
C PRO B 125 -20.36 8.89 22.67
N PRO B 126 -20.03 9.24 23.91
CA PRO B 126 -21.05 9.21 24.97
C PRO B 126 -22.13 10.26 24.76
N SER B 127 -21.80 11.37 24.10
CA SER B 127 -22.78 12.43 23.85
C SER B 127 -22.26 13.27 22.69
N LEU B 128 -23.14 14.15 22.19
CA LEU B 128 -22.74 15.00 21.08
C LEU B 128 -21.71 16.02 21.52
N HIS B 129 -21.84 16.55 22.74
CA HIS B 129 -20.87 17.56 23.19
C HIS B 129 -19.51 16.94 23.47
N VAL B 130 -19.46 15.68 23.91
CA VAL B 130 -18.17 15.01 24.02
C VAL B 130 -17.56 14.81 22.64
N LEU B 131 -18.40 14.59 21.63
CA LEU B 131 -17.90 14.41 20.27
C LEU B 131 -17.18 15.68 19.78
N GLU B 132 -17.85 16.83 19.91
CA GLU B 132 -17.21 18.09 19.56
C GLU B 132 -15.94 18.29 20.36
N GLN B 133 -15.95 17.92 21.63
CA GLN B 133 -14.76 17.98 22.47
C GLN B 133 -13.60 17.23 21.84
N ARG B 134 -13.87 16.01 21.36
CA ARG B 134 -12.79 15.22 20.76
C ARG B 134 -12.41 15.75 19.38
N LEU B 135 -13.34 16.38 18.67
CA LEU B 135 -12.98 16.99 17.39
C LEU B 135 -12.03 18.15 17.58
N ARG B 136 -12.27 18.99 18.60
CA ARG B 136 -11.35 20.09 18.88
C ARG B 136 -10.01 19.59 19.41
N GLN B 137 -10.04 18.51 20.21
CA GLN B 137 -8.81 17.95 20.73
C GLN B 137 -7.93 17.40 19.62
N ARG B 138 -8.54 16.78 18.60
CA ARG B 138 -7.77 16.28 17.47
C ARG B 138 -7.09 17.42 16.72
N ASN B 139 -7.74 18.57 16.62
CA ASN B 139 -7.15 19.79 16.07
C ASN B 139 -6.63 19.56 14.65
N THR B 140 -7.44 18.91 13.81
CA THR B 140 -7.08 18.69 12.43
C THR B 140 -8.03 19.34 11.44
N GLU B 141 -9.20 19.79 11.86
CA GLU B 141 -10.20 20.35 10.96
C GLU B 141 -10.34 21.85 11.20
N THR B 142 -10.69 22.57 10.13
CA THR B 142 -11.10 23.96 10.26
C THR B 142 -12.44 24.03 10.99
N GLU B 143 -12.81 25.24 11.41
CA GLU B 143 -14.08 25.40 12.11
C GLU B 143 -15.25 24.99 11.22
N GLU B 144 -15.19 25.32 9.93
CA GLU B 144 -16.25 24.91 9.02
C GLU B 144 -16.31 23.40 8.88
N SER B 145 -15.15 22.75 8.74
CA SER B 145 -15.12 21.30 8.59
C SER B 145 -15.59 20.60 9.87
N LEU B 146 -15.13 21.08 11.02
CA LEU B 146 -15.54 20.49 12.30
C LEU B 146 -17.05 20.59 12.49
N VAL B 147 -17.62 21.75 12.16
CA VAL B 147 -19.06 21.94 12.34
C VAL B 147 -19.85 21.05 11.39
N LYS B 148 -19.39 20.95 10.13
CA LYS B 148 -19.99 20.01 9.19
C LYS B 148 -19.98 18.59 9.75
N ARG B 149 -18.90 18.20 10.41
CA ARG B 149 -18.82 16.86 10.97
C ARG B 149 -19.75 16.72 12.18
N LEU B 150 -20.01 17.81 12.90
CA LEU B 150 -21.02 17.78 13.95
C LEU B 150 -22.41 17.63 13.37
N ALA B 151 -22.68 18.28 12.23
CA ALA B 151 -23.98 18.15 11.60
C ALA B 151 -24.24 16.73 11.14
N ALA B 152 -23.28 16.15 10.39
CA ALA B 152 -23.43 14.77 9.93
C ALA B 152 -23.47 13.78 11.09
N ALA B 153 -23.00 14.18 12.27
CA ALA B 153 -22.91 13.26 13.40
C ALA B 153 -24.28 12.84 13.91
N GLN B 154 -25.25 13.76 13.91
CA GLN B 154 -26.55 13.45 14.47
C GLN B 154 -27.22 12.30 13.73
N ALA B 155 -27.06 12.25 12.41
CA ALA B 155 -27.67 11.18 11.64
C ALA B 155 -26.98 9.84 11.90
N ASP B 156 -25.66 9.86 12.08
CA ASP B 156 -24.94 8.62 12.32
C ASP B 156 -25.32 8.00 13.66
N MET B 157 -25.38 8.82 14.72
CA MET B 157 -25.74 8.31 16.03
C MET B 157 -27.14 7.71 16.02
N GLU B 158 -28.08 8.36 15.32
CA GLU B 158 -29.43 7.81 15.24
C GLU B 158 -29.48 6.50 14.46
N SER B 159 -28.65 6.37 13.43
CA SER B 159 -28.62 5.14 12.64
C SER B 159 -28.02 3.98 13.42
N SER B 160 -27.19 4.26 14.43
CA SER B 160 -26.59 3.21 15.24
C SER B 160 -27.63 2.44 16.04
N LYS B 161 -28.84 2.97 16.18
CA LYS B 161 -29.92 2.29 16.87
C LYS B 161 -30.79 1.45 15.94
N GLU B 162 -30.44 1.36 14.66
CA GLU B 162 -31.20 0.54 13.73
C GLU B 162 -30.73 -0.90 13.82
N PRO B 163 -31.60 -1.84 14.17
CA PRO B 163 -31.15 -3.23 14.32
C PRO B 163 -30.79 -3.85 12.98
N GLY B 164 -29.75 -4.69 13.00
CA GLY B 164 -29.26 -5.33 11.80
C GLY B 164 -28.29 -4.50 10.99
N LEU B 165 -28.30 -3.17 11.13
CA LEU B 165 -27.35 -2.34 10.41
C LEU B 165 -25.94 -2.51 10.96
N PHE B 166 -25.81 -2.68 12.27
CA PHE B 166 -24.52 -2.89 12.91
C PHE B 166 -24.60 -4.14 13.77
N ASP B 167 -23.62 -5.04 13.59
CA ASP B 167 -23.56 -6.24 14.42
C ASP B 167 -23.12 -5.90 15.84
N VAL B 168 -22.37 -4.82 16.01
CA VAL B 168 -21.85 -4.43 17.32
C VAL B 168 -21.82 -2.91 17.39
N VAL B 169 -22.35 -2.36 18.48
CA VAL B 169 -22.27 -0.93 18.76
C VAL B 169 -21.42 -0.75 20.02
N ILE B 170 -20.42 0.12 19.93
CA ILE B 170 -19.49 0.39 21.02
C ILE B 170 -19.60 1.86 21.38
N ILE B 171 -19.90 2.14 22.65
CA ILE B 171 -19.91 3.50 23.17
C ILE B 171 -18.51 3.79 23.69
N ASN B 172 -17.76 4.62 22.97
CA ASN B 172 -16.35 4.89 23.31
C ASN B 172 -16.29 5.99 24.39
N ASP B 173 -16.65 5.60 25.60
CA ASP B 173 -16.52 6.47 26.76
C ASP B 173 -15.12 6.32 27.32
N SER B 174 -14.86 5.23 28.02
CA SER B 174 -13.51 4.85 28.40
C SER B 174 -12.83 4.16 27.22
N LEU B 175 -11.69 4.70 26.81
CA LEU B 175 -10.98 4.13 25.66
C LEU B 175 -10.46 2.73 25.97
N ASP B 176 -10.02 2.50 27.20
CA ASP B 176 -9.47 1.19 27.56
C ASP B 176 -10.53 0.10 27.48
N GLN B 177 -11.72 0.38 28.00
CA GLN B 177 -12.80 -0.60 27.98
C GLN B 177 -13.43 -0.72 26.59
N ALA B 178 -13.40 0.35 25.80
CA ALA B 178 -13.91 0.29 24.44
C ALA B 178 -13.01 -0.57 23.55
N TYR B 179 -11.70 -0.52 23.78
CA TYR B 179 -10.79 -1.38 23.01
C TYR B 179 -10.97 -2.84 23.38
N ALA B 180 -11.14 -3.13 24.68
CA ALA B 180 -11.43 -4.51 25.08
C ALA B 180 -12.75 -4.99 24.50
N GLU B 181 -13.72 -4.09 24.33
CA GLU B 181 -14.98 -4.48 23.71
C GLU B 181 -14.82 -4.71 22.21
N LEU B 182 -13.96 -3.94 21.55
CA LEU B 182 -13.67 -4.19 20.14
C LEU B 182 -13.01 -5.56 19.95
N LYS B 183 -12.05 -5.89 20.82
CA LYS B 183 -11.39 -7.19 20.72
C LYS B 183 -12.35 -8.32 21.08
N GLU B 184 -13.23 -8.09 22.05
CA GLU B 184 -14.23 -9.11 22.39
C GLU B 184 -15.19 -9.32 21.22
N ALA B 185 -15.54 -8.26 20.51
CA ALA B 185 -16.41 -8.39 19.34
C ALA B 185 -15.73 -9.20 18.25
N LEU B 186 -14.43 -8.98 18.04
CA LEU B 186 -13.65 -9.72 17.05
C LEU B 186 -13.05 -11.00 17.59
N SER B 187 -13.66 -11.58 18.64
CA SER B 187 -13.09 -12.78 19.25
C SER B 187 -13.08 -13.95 18.28
N GLU B 188 -14.11 -14.07 17.43
CA GLU B 188 -14.16 -15.18 16.49
C GLU B 188 -13.15 -14.99 15.35
N GLU B 189 -12.96 -13.75 14.90
CA GLU B 189 -12.03 -13.50 13.82
C GLU B 189 -10.58 -13.72 14.27
N ILE B 190 -10.23 -13.23 15.46
CA ILE B 190 -8.89 -13.45 15.97
C ILE B 190 -8.64 -14.92 16.21
N LYS B 191 -9.66 -15.64 16.69
CA LYS B 191 -9.56 -17.07 16.94
C LYS B 191 -9.89 -17.89 15.68
N LYS B 192 -9.20 -17.57 14.59
CA LYS B 192 -9.36 -18.31 13.34
C LYS B 192 -8.15 -18.05 12.43
P 5GP C . 16.16 -8.29 -2.05
O1P 5GP C . 15.96 -9.63 -1.37
O2P 5GP C . 15.03 -7.31 -1.84
O3P 5GP C . 17.53 -7.69 -1.87
O5' 5GP C . 16.10 -8.61 -3.61
C5' 5GP C . 16.13 -9.95 -4.10
C4' 5GP C . 15.94 -9.99 -5.59
O4' 5GP C . 14.52 -10.18 -5.89
C3' 5GP C . 16.36 -8.71 -6.33
O3' 5GP C . 16.94 -9.06 -7.59
C2' 5GP C . 15.02 -8.01 -6.58
O2' 5GP C . 15.01 -7.11 -7.67
C1' 5GP C . 14.12 -9.22 -6.84
N9 5GP C . 12.69 -8.93 -6.69
C8 5GP C . 12.12 -8.13 -5.78
N7 5GP C . 10.78 -8.12 -6.01
C5 5GP C . 10.54 -8.91 -7.06
C6 5GP C . 9.39 -9.27 -7.75
O6 5GP C . 8.28 -8.83 -7.38
N1 5GP C . 9.48 -10.12 -8.79
C2 5GP C . 10.65 -10.60 -9.19
N2 5GP C . 10.71 -11.44 -10.25
N3 5GP C . 11.80 -10.26 -8.56
C4 5GP C . 11.75 -9.42 -7.49
PB ADP D . 20.25 -3.48 -5.09
O1B ADP D . 19.02 -2.68 -4.73
O2B ADP D . 20.59 -3.46 -6.56
O3B ADP D . 20.35 -4.84 -4.44
PA ADP D . 21.23 -1.77 -3.07
O1A ADP D . 20.57 -0.45 -3.44
O2A ADP D . 20.62 -2.68 -2.04
O3A ADP D . 21.45 -2.63 -4.42
O5' ADP D . 22.76 -1.48 -2.68
C5' ADP D . 23.48 -2.35 -1.82
C4' ADP D . 24.60 -1.57 -1.15
O4' ADP D . 25.39 -0.88 -2.13
C3' ADP D . 24.02 -0.51 -0.22
O3' ADP D . 24.64 -0.65 1.06
C2' ADP D . 24.41 0.83 -0.82
O2' ADP D . 24.81 1.73 0.21
C1' ADP D . 25.57 0.49 -1.73
N9 ADP D . 25.60 1.36 -2.93
C8 ADP D . 24.60 1.56 -3.81
N7 ADP D . 24.98 2.42 -4.78
C5 ADP D . 26.25 2.78 -4.54
C6 ADP D . 27.25 3.67 -5.18
N6 ADP D . 26.96 4.34 -6.31
N1 ADP D . 28.47 3.77 -4.60
C2 ADP D . 28.77 3.09 -3.47
N3 ADP D . 27.91 2.27 -2.83
C4 ADP D . 26.65 2.09 -3.31
P 5GP E . -11.37 11.76 7.88
O1P 5GP E . -11.67 12.25 9.29
O2P 5GP E . -11.41 12.84 6.83
O3P 5GP E . -10.20 10.83 7.77
O5' 5GP E . -12.64 10.85 7.53
C5' 5GP E . -13.92 11.43 7.31
C4' 5GP E . -15.01 10.39 7.26
O4' 5GP E . -14.97 9.66 6.00
C3' 5GP E . -14.96 9.33 8.37
O3' 5GP E . -16.29 9.01 8.79
C2' 5GP E . -14.37 8.12 7.63
O2' 5GP E . -14.67 6.87 8.22
C1' 5GP E . -15.01 8.28 6.27
N9 5GP E . -14.33 7.55 5.20
C8 5GP E . -13.01 7.36 5.08
N7 5GP E . -12.77 6.59 3.99
C5 5GP E . -13.96 6.30 3.43
C6 5GP E . -14.34 5.56 2.33
O6 5GP E . -13.47 5.01 1.61
N1 5GP E . -15.64 5.44 2.02
C2 5GP E . -16.58 6.02 2.77
N2 5GP E . -17.89 5.88 2.44
N3 5GP E . -16.24 6.75 3.87
C4 5GP E . -14.94 6.89 4.21
PB ADP F . -12.53 9.02 14.41
O1B ADP F . -11.34 8.24 13.90
O2B ADP F . -12.81 10.29 13.62
O3B ADP F . -13.75 8.18 14.69
PA ADP F . -10.52 9.68 16.27
O1A ADP F . -9.96 8.31 16.55
O2A ADP F . -9.89 10.58 15.22
O3A ADP F . -12.08 9.52 15.88
O5' ADP F . -10.62 10.49 17.65
C5' ADP F . -10.48 11.91 17.68
C4' ADP F . -9.89 12.33 19.02
O4' ADP F . -10.61 11.76 20.10
C3' ADP F . -8.45 11.85 19.15
O3' ADP F . -7.61 12.98 19.37
C2' ADP F . -8.42 10.94 20.36
O2' ADP F . -7.29 11.27 21.17
C1' ADP F . -9.72 11.26 21.08
N9 ADP F . -10.34 10.07 21.74
C8 ADP F . -10.61 8.88 21.17
N7 ADP F . -11.21 8.04 22.05
C5 ADP F . -11.32 8.69 23.22
C6 ADP F . -11.84 8.37 24.57
N6 ADP F . -12.38 7.16 24.86
N1 ADP F . -11.76 9.34 25.52
C2 ADP F . -11.23 10.54 25.25
N3 ADP F . -10.73 10.90 24.06
C4 ADP F . -10.74 10.03 23.02
#